data_4Y05
#
_entry.id   4Y05
#
_cell.length_a   83.889
_cell.length_b   83.889
_cell.length_c   147.872
_cell.angle_alpha   90.000
_cell.angle_beta   90.000
_cell.angle_gamma   90.000
#
_symmetry.space_group_name_H-M   'P 43 21 2'
#
loop_
_entity.id
_entity.type
_entity.pdbx_description
1 polymer 'Kinesin-like protein KIF2C'
2 non-polymer 'MAGNESIUM ION'
3 non-polymer "ADENOSINE-5'-DIPHOSPHATE"
4 non-polymer 'SULFATE ION'
5 water water
#
_entity_poly.entity_id   1
_entity_poly.type   'polypeptide(L)'
_entity_poly.pdbx_seq_one_letter_code
;MGRMKRAQEYDSSFPNWEFARMIKEFRATLECHPLTMTDPIEEHRICVCVRKRPLNKQELAKKEIDVISIPSKCLLLVHE
KVDYLENQAFCFDFAFDETASNEVVYRFTAAPLVQTIFEGGKATCFAYGQTGSGKTHTMGGDLSGKAQNASKGIYAMASA
DVFLLKNQPCYRKLGLEVYVTFFEIYNGKLFDLLNKKAKLRVLEDGKQQVQVVGLQEHLVNSADDVIKMIDMGSACRTSG
QTFANSNSSRSHACFQIILRAKGRMHGKFSLVDLAGNERGADTSSADRQTRMEGAEINKSLLALKECIRALGQNKAHTPF
RESKLTQVLRDSFIGENSRTCMIATISPGISSCEYTLNTLRYADRVKELSPHSGPSGEQLEHHHHHH
;
_entity_poly.pdbx_strand_id   A
#
loop_
_chem_comp.id
_chem_comp.type
_chem_comp.name
_chem_comp.formula
ADP non-polymer ADENOSINE-5'-DIPHOSPHATE 'C10 H15 N5 O10 P2'
MG non-polymer 'MAGNESIUM ION' 'Mg 2'
SO4 non-polymer 'SULFATE ION' 'O4 S -2'
#
# COMPACT_ATOMS: atom_id res chain seq x y z
N PHE A 14 17.51 28.13 -10.89
CA PHE A 14 18.69 28.94 -10.58
C PHE A 14 19.53 28.50 -9.35
N PRO A 15 18.94 28.05 -8.20
CA PRO A 15 19.80 27.70 -7.03
C PRO A 15 20.74 26.49 -7.22
N ASN A 16 20.18 25.23 -7.20
CA ASN A 16 20.91 23.96 -7.33
C ASN A 16 21.60 23.71 -8.65
N TRP A 17 22.72 24.41 -8.82
CA TRP A 17 23.67 24.41 -9.93
C TRP A 17 23.04 24.18 -11.33
N GLU A 18 23.86 23.59 -12.19
CA GLU A 18 23.53 23.17 -13.53
C GLU A 18 23.04 21.72 -13.36
N PHE A 19 22.68 21.32 -12.11
CA PHE A 19 22.16 19.99 -11.80
C PHE A 19 20.86 19.74 -12.57
N ALA A 20 19.97 20.75 -12.61
CA ALA A 20 18.73 20.64 -13.36
C ALA A 20 18.99 20.48 -14.87
N ARG A 21 20.03 21.17 -15.38
CA ARG A 21 20.43 21.09 -16.80
C ARG A 21 20.93 19.69 -17.13
N MET A 22 21.77 19.11 -16.26
CA MET A 22 22.30 17.76 -16.46
C MET A 22 21.18 16.74 -16.45
N ILE A 23 20.19 16.88 -15.53
CA ILE A 23 19.03 16.00 -15.44
C ILE A 23 18.21 16.06 -16.76
N LYS A 24 17.94 17.28 -17.25
CA LYS A 24 17.23 17.50 -18.52
C LYS A 24 17.96 16.84 -19.70
N GLU A 25 19.29 16.98 -19.77
CA GLU A 25 20.08 16.37 -20.84
C GLU A 25 20.02 14.85 -20.75
N PHE A 26 19.98 14.30 -19.53
CA PHE A 26 19.89 12.87 -19.35
C PHE A 26 18.50 12.42 -19.81
N ARG A 27 17.44 13.13 -19.43
CA ARG A 27 16.07 12.79 -19.83
C ARG A 27 15.86 12.84 -21.36
N ALA A 28 16.48 13.80 -22.06
CA ALA A 28 16.37 13.94 -23.53
C ALA A 28 16.98 12.77 -24.34
N THR A 29 17.98 12.11 -23.77
CA THR A 29 18.68 10.97 -24.35
C THR A 29 18.01 9.66 -23.98
N LEU A 30 17.35 9.63 -22.84
CA LEU A 30 16.69 8.44 -22.33
C LEU A 30 15.45 8.12 -23.17
N GLU A 31 15.49 6.99 -23.88
CA GLU A 31 14.37 6.45 -24.62
C GLU A 31 13.61 5.58 -23.62
N CYS A 32 12.33 5.86 -23.40
CA CYS A 32 11.52 5.18 -22.38
C CYS A 32 10.55 4.13 -22.88
N HIS A 33 10.26 3.14 -22.06
CA HIS A 33 9.32 2.06 -22.41
C HIS A 33 8.35 1.90 -21.22
N PRO A 34 7.44 2.86 -21.06
CA PRO A 34 6.61 2.84 -19.87
C PRO A 34 5.51 1.80 -19.92
N LEU A 35 4.92 1.61 -18.79
CA LEU A 35 3.81 0.73 -18.59
C LEU A 35 2.56 1.34 -19.20
N THR A 36 1.74 0.50 -19.84
CA THR A 36 0.46 0.89 -20.40
C THR A 36 -0.59 -0.05 -19.83
N MET A 37 -1.86 0.30 -20.02
CA MET A 37 -3.03 -0.45 -19.56
C MET A 37 -3.25 -1.77 -20.28
N THR A 38 -2.60 -1.99 -21.41
CA THR A 38 -2.77 -3.23 -22.14
C THR A 38 -1.71 -4.23 -21.78
N ASP A 39 -0.74 -3.83 -20.95
CA ASP A 39 0.32 -4.76 -20.57
C ASP A 39 -0.29 -5.85 -19.77
N PRO A 40 0.11 -7.13 -19.95
CA PRO A 40 -0.50 -8.19 -19.15
C PRO A 40 -0.22 -8.08 -17.66
N ILE A 41 -1.30 -8.28 -16.91
CA ILE A 41 -1.33 -8.34 -15.46
C ILE A 41 -0.42 -9.51 -15.09
N GLU A 42 0.38 -9.31 -14.05
CA GLU A 42 1.27 -10.37 -13.60
C GLU A 42 0.81 -10.98 -12.29
N GLU A 43 1.06 -12.28 -12.11
CA GLU A 43 0.64 -12.97 -10.91
C GLU A 43 1.87 -13.21 -10.06
N HIS A 44 1.98 -12.45 -8.97
CA HIS A 44 3.08 -12.52 -8.02
C HIS A 44 2.53 -12.88 -6.67
N ARG A 45 3.34 -13.63 -5.87
CA ARG A 45 3.03 -13.94 -4.47
C ARG A 45 3.34 -12.65 -3.71
N ILE A 46 4.49 -12.03 -4.01
CA ILE A 46 4.96 -10.75 -3.44
C ILE A 46 5.15 -9.80 -4.60
N CYS A 47 4.34 -8.75 -4.67
CA CYS A 47 4.44 -7.76 -5.71
C CYS A 47 4.95 -6.45 -5.07
N VAL A 48 6.11 -5.95 -5.49
CA VAL A 48 6.64 -4.68 -4.97
C VAL A 48 6.70 -3.64 -6.08
N CYS A 49 6.05 -2.52 -5.85
CA CYS A 49 5.90 -1.39 -6.78
C CYS A 49 6.41 -0.12 -6.17
N VAL A 50 6.67 0.84 -7.06
CA VAL A 50 7.02 2.22 -6.71
C VAL A 50 6.11 3.15 -7.51
N ARG A 51 5.68 4.23 -6.86
CA ARG A 51 4.84 5.22 -7.49
C ARG A 51 5.39 6.60 -7.24
N LYS A 52 5.75 7.28 -8.30
CA LYS A 52 6.21 8.65 -8.21
C LYS A 52 5.02 9.58 -8.42
N ARG A 53 4.80 10.48 -7.49
CA ARG A 53 3.78 11.51 -7.68
C ARG A 53 4.40 12.74 -8.41
N PRO A 54 3.62 13.59 -9.10
CA PRO A 54 4.23 14.78 -9.71
C PRO A 54 4.54 15.86 -8.67
N LEU A 55 5.40 16.80 -9.05
CA LEU A 55 5.67 17.97 -8.24
C LEU A 55 4.36 18.79 -8.13
N ASN A 56 4.02 19.24 -6.93
CA ASN A 56 2.85 20.09 -6.73
C ASN A 56 3.19 21.57 -7.08
N LYS A 57 2.16 22.45 -7.09
CA LYS A 57 2.30 23.88 -7.43
C LYS A 57 3.27 24.62 -6.51
N GLN A 58 3.26 24.28 -5.21
CA GLN A 58 4.15 24.83 -4.19
C GLN A 58 5.60 24.42 -4.45
N GLU A 59 5.81 23.16 -4.90
CA GLU A 59 7.15 22.66 -5.21
C GLU A 59 7.68 23.32 -6.46
N LEU A 60 6.83 23.47 -7.48
CA LEU A 60 7.20 24.16 -8.72
C LEU A 60 7.49 25.64 -8.47
N ALA A 61 6.76 26.26 -7.50
CA ALA A 61 6.95 27.65 -7.10
C ALA A 61 8.32 27.84 -6.43
N LYS A 62 8.72 26.90 -5.55
CA LYS A 62 10.01 26.94 -4.86
C LYS A 62 11.16 26.39 -5.74
N LYS A 63 10.90 26.16 -7.05
CA LYS A 63 11.86 25.62 -8.00
C LYS A 63 12.53 24.29 -7.52
N GLU A 64 11.70 23.32 -7.07
CA GLU A 64 12.20 22.00 -6.70
C GLU A 64 12.56 21.32 -7.99
N ILE A 65 13.73 20.64 -8.00
CA ILE A 65 14.20 19.84 -9.11
C ILE A 65 13.54 18.47 -8.93
N ASP A 66 13.10 17.87 -10.03
CA ASP A 66 12.56 16.52 -10.05
C ASP A 66 13.78 15.60 -10.23
N VAL A 67 14.07 14.78 -9.21
CA VAL A 67 15.26 13.92 -9.27
C VAL A 67 14.95 12.45 -9.58
N ILE A 68 13.73 12.15 -10.06
CA ILE A 68 13.30 10.76 -10.34
C ILE A 68 12.93 10.55 -11.80
N SER A 69 13.46 9.50 -12.43
CA SER A 69 13.07 9.14 -13.79
C SER A 69 12.69 7.69 -13.82
N ILE A 70 11.76 7.37 -14.68
CA ILE A 70 11.24 6.00 -14.85
C ILE A 70 11.30 5.59 -16.33
N PRO A 71 12.41 4.96 -16.73
CA PRO A 71 12.57 4.60 -18.16
C PRO A 71 11.86 3.35 -18.59
N SER A 72 11.39 2.55 -17.64
CA SER A 72 10.68 1.34 -18.05
C SER A 72 9.60 0.99 -17.05
N LYS A 73 8.84 -0.07 -17.37
CA LYS A 73 7.83 -0.60 -16.49
C LYS A 73 8.47 -1.08 -15.14
N CYS A 74 9.76 -1.37 -15.06
CA CYS A 74 10.36 -1.93 -13.83
C CYS A 74 11.48 -1.10 -13.20
N LEU A 75 11.98 -0.12 -13.90
CA LEU A 75 13.18 0.59 -13.51
C LEU A 75 12.91 2.01 -13.05
N LEU A 76 13.50 2.37 -11.91
CA LEU A 76 13.43 3.70 -11.38
C LEU A 76 14.84 4.22 -11.22
N LEU A 77 15.08 5.46 -11.61
CA LEU A 77 16.36 6.12 -11.45
C LEU A 77 16.25 7.28 -10.49
N VAL A 78 17.23 7.41 -9.59
CA VAL A 78 17.39 8.57 -8.66
C VAL A 78 18.62 9.36 -9.17
N HIS A 79 18.40 10.65 -9.45
CA HIS A 79 19.45 11.57 -9.89
C HIS A 79 20.05 12.29 -8.67
N GLU A 80 21.34 12.08 -8.40
CA GLU A 80 22.08 12.69 -7.29
C GLU A 80 23.18 13.63 -7.75
N LYS A 81 23.33 14.75 -7.04
CA LYS A 81 24.35 15.77 -7.31
C LYS A 81 25.58 15.41 -6.51
N VAL A 82 26.76 15.30 -7.17
CA VAL A 82 28.06 14.99 -6.51
C VAL A 82 29.40 15.33 -7.30
N ASP A 83 29.61 16.58 -7.82
CA ASP A 83 28.67 17.70 -8.02
C ASP A 83 28.06 17.39 -9.39
N TYR A 84 28.77 16.49 -10.14
CA TYR A 84 28.32 15.96 -11.42
CA TYR A 84 28.37 15.91 -11.43
C TYR A 84 27.26 14.88 -11.15
N LEU A 85 26.36 14.64 -12.13
CA LEU A 85 25.24 13.68 -12.09
C LEU A 85 25.67 12.25 -11.83
N GLU A 86 25.04 11.64 -10.85
CA GLU A 86 25.24 10.23 -10.54
C GLU A 86 23.84 9.67 -10.45
N ASN A 87 23.53 8.67 -11.30
CA ASN A 87 22.20 8.07 -11.36
C ASN A 87 22.17 6.72 -10.65
N GLN A 88 21.30 6.55 -9.68
CA GLN A 88 21.16 5.28 -8.98
C GLN A 88 19.89 4.53 -9.49
N ALA A 89 20.04 3.25 -9.84
CA ALA A 89 18.94 2.49 -10.38
C ALA A 89 18.36 1.47 -9.42
N PHE A 90 17.03 1.35 -9.43
CA PHE A 90 16.29 0.38 -8.62
C PHE A 90 15.35 -0.35 -9.57
N CYS A 91 15.11 -1.63 -9.32
CA CYS A 91 14.24 -2.47 -10.15
C CYS A 91 13.11 -3.05 -9.33
N PHE A 92 11.88 -2.86 -9.76
CA PHE A 92 10.67 -3.30 -9.04
C PHE A 92 9.79 -4.07 -9.99
N ASP A 93 8.70 -4.69 -9.49
CA ASP A 93 7.78 -5.43 -10.37
C ASP A 93 7.07 -4.46 -11.29
N PHE A 94 6.71 -3.28 -10.75
CA PHE A 94 6.09 -2.21 -11.51
C PHE A 94 6.59 -0.88 -11.00
N ALA A 95 6.85 0.05 -11.92
CA ALA A 95 7.23 1.42 -11.55
C ALA A 95 6.22 2.36 -12.21
N PHE A 96 5.53 3.14 -11.40
CA PHE A 96 4.50 4.04 -11.92
C PHE A 96 5.01 5.45 -11.90
N ASP A 97 4.97 6.11 -13.04
CA ASP A 97 5.42 7.48 -13.10
C ASP A 97 4.31 8.43 -12.78
N GLU A 98 4.62 9.72 -12.86
CA GLU A 98 3.65 10.77 -12.53
C GLU A 98 2.46 10.81 -13.46
N THR A 99 2.48 10.12 -14.59
CA THR A 99 1.33 10.11 -15.50
C THR A 99 0.34 9.00 -15.14
N ALA A 100 0.74 8.04 -14.27
CA ALA A 100 -0.10 6.91 -13.88
C ALA A 100 -1.23 7.32 -12.95
N SER A 101 -2.47 7.04 -13.38
CA SER A 101 -3.68 7.32 -12.59
C SER A 101 -3.86 6.20 -11.55
N ASN A 102 -4.76 6.41 -10.59
CA ASN A 102 -5.09 5.38 -9.59
C ASN A 102 -5.56 4.10 -10.27
N GLU A 103 -6.30 4.23 -11.37
CA GLU A 103 -6.84 3.15 -12.21
C GLU A 103 -5.73 2.26 -12.76
N VAL A 104 -4.64 2.87 -13.23
CA VAL A 104 -3.49 2.18 -13.80
C VAL A 104 -2.74 1.44 -12.68
N VAL A 105 -2.52 2.13 -11.55
CA VAL A 105 -1.86 1.55 -10.39
C VAL A 105 -2.66 0.32 -9.91
N TYR A 106 -3.96 0.50 -9.72
CA TYR A 106 -4.87 -0.55 -9.25
C TYR A 106 -4.79 -1.83 -10.07
N ARG A 107 -4.85 -1.66 -11.40
CA ARG A 107 -4.78 -2.76 -12.34
C ARG A 107 -3.66 -3.77 -12.06
N PHE A 108 -2.50 -3.27 -11.70
CA PHE A 108 -1.31 -4.10 -11.57
C PHE A 108 -0.98 -4.51 -10.16
N THR A 109 -1.71 -3.93 -9.20
CA THR A 109 -1.44 -4.15 -7.79
C THR A 109 -2.52 -4.92 -7.12
N ALA A 110 -3.57 -4.22 -6.65
CA ALA A 110 -4.69 -4.80 -5.92
C ALA A 110 -5.64 -5.62 -6.78
N ALA A 111 -5.87 -5.21 -8.03
CA ALA A 111 -6.86 -5.89 -8.88
C ALA A 111 -6.64 -7.39 -9.04
N PRO A 112 -5.43 -7.89 -9.37
CA PRO A 112 -5.26 -9.35 -9.45
C PRO A 112 -5.43 -10.06 -8.11
N LEU A 113 -5.42 -9.33 -6.98
CA LEU A 113 -5.55 -9.97 -5.67
C LEU A 113 -7.01 -10.17 -5.27
N VAL A 114 -7.96 -9.51 -5.99
CA VAL A 114 -9.39 -9.63 -5.73
C VAL A 114 -9.85 -11.06 -6.01
N GLN A 115 -9.36 -11.68 -7.10
CA GLN A 115 -9.71 -13.07 -7.43
C GLN A 115 -9.22 -14.01 -6.33
N THR A 116 -8.02 -13.75 -5.73
CA THR A 116 -7.43 -14.55 -4.64
C THR A 116 -8.42 -14.80 -3.53
N ILE A 117 -9.14 -13.74 -3.09
CA ILE A 117 -10.10 -13.85 -2.00
C ILE A 117 -11.31 -14.73 -2.37
N PHE A 118 -11.64 -14.80 -3.68
CA PHE A 118 -12.71 -15.67 -4.18
C PHE A 118 -12.29 -17.14 -4.30
N GLU A 119 -10.98 -17.40 -4.46
CA GLU A 119 -10.44 -18.75 -4.49
C GLU A 119 -10.22 -19.23 -3.06
N GLY A 120 -10.60 -18.43 -2.07
CA GLY A 120 -10.42 -18.80 -0.67
C GLY A 120 -9.10 -18.38 -0.05
N GLY A 121 -8.44 -17.41 -0.67
CA GLY A 121 -7.15 -16.93 -0.17
C GLY A 121 -7.18 -15.66 0.67
N LYS A 122 -5.99 -15.21 1.03
CA LYS A 122 -5.79 -14.00 1.82
C LYS A 122 -4.95 -13.06 0.99
N ALA A 123 -5.35 -11.79 0.96
CA ALA A 123 -4.63 -10.80 0.20
C ALA A 123 -4.40 -9.59 1.10
N THR A 124 -3.27 -8.91 0.86
CA THR A 124 -2.92 -7.66 1.51
C THR A 124 -2.34 -6.70 0.50
N CYS A 125 -2.63 -5.42 0.73
CA CYS A 125 -2.13 -4.35 -0.10
C CYS A 125 -1.77 -3.21 0.78
N PHE A 126 -0.52 -2.76 0.70
CA PHE A 126 0.03 -1.67 1.52
C PHE A 126 0.53 -0.53 0.69
N ALA A 127 0.28 0.70 1.16
CA ALA A 127 0.89 1.89 0.62
C ALA A 127 1.87 2.35 1.69
N TYR A 128 3.14 2.50 1.31
CA TYR A 128 4.28 2.77 2.17
C TYR A 128 5.10 3.96 1.59
N GLY A 129 5.57 4.87 2.44
CA GLY A 129 6.41 5.98 1.97
C GLY A 129 6.32 7.18 2.87
N GLN A 130 7.06 8.25 2.55
CA GLN A 130 7.04 9.43 3.43
C GLN A 130 5.71 10.16 3.42
N THR A 131 5.44 10.92 4.50
CA THR A 131 4.26 11.78 4.54
C THR A 131 4.33 12.73 3.34
N GLY A 132 3.21 12.87 2.64
CA GLY A 132 3.11 13.71 1.45
C GLY A 132 3.42 13.03 0.14
N SER A 133 3.78 11.72 0.16
CA SER A 133 4.18 10.94 -1.02
C SER A 133 3.06 10.41 -1.92
N GLY A 134 1.86 10.25 -1.34
CA GLY A 134 0.70 9.80 -2.08
C GLY A 134 0.02 8.53 -1.62
N LYS A 135 0.26 8.11 -0.36
CA LYS A 135 -0.36 6.89 0.16
C LYS A 135 -1.86 7.02 0.25
N THR A 136 -2.37 8.10 0.85
CA THR A 136 -3.82 8.29 1.01
C THR A 136 -4.49 8.52 -0.33
N HIS A 137 -3.83 9.28 -1.20
CA HIS A 137 -4.30 9.54 -2.54
C HIS A 137 -4.48 8.20 -3.29
N THR A 138 -3.51 7.27 -3.14
CA THR A 138 -3.55 5.94 -3.76
C THR A 138 -4.69 5.08 -3.20
N MET A 139 -4.78 5.00 -1.85
CA MET A 139 -5.75 4.11 -1.21
C MET A 139 -7.15 4.65 -1.12
N GLY A 140 -7.30 5.88 -0.62
CA GLY A 140 -8.59 6.54 -0.38
C GLY A 140 -9.13 7.38 -1.50
N GLY A 141 -8.26 8.13 -2.17
CA GLY A 141 -8.61 8.96 -3.32
C GLY A 141 -8.14 10.40 -3.17
N ASP A 142 -8.23 11.17 -4.27
CA ASP A 142 -7.89 12.61 -4.32
C ASP A 142 -9.06 13.43 -3.71
N LEU A 143 -10.31 13.12 -4.12
CA LEU A 143 -11.57 13.79 -3.75
C LEU A 143 -11.74 15.13 -4.51
N SER A 151 -13.14 10.75 -8.11
CA SER A 151 -11.88 10.00 -8.14
C SER A 151 -11.63 9.04 -6.95
N LYS A 152 -11.49 7.74 -7.27
CA LYS A 152 -11.15 6.64 -6.36
C LYS A 152 -9.62 6.45 -6.58
N GLY A 153 -8.82 5.86 -5.69
CA GLY A 153 -9.05 5.14 -4.45
C GLY A 153 -9.02 3.64 -4.67
N ILE A 154 -7.96 2.93 -4.20
CA ILE A 154 -7.89 1.46 -4.30
C ILE A 154 -8.98 0.76 -3.47
N TYR A 155 -9.35 1.32 -2.31
CA TYR A 155 -10.41 0.71 -1.49
C TYR A 155 -11.69 0.60 -2.31
N ALA A 156 -12.07 1.69 -3.03
CA ALA A 156 -13.31 1.77 -3.79
C ALA A 156 -13.29 0.87 -5.01
N MET A 157 -12.14 0.83 -5.69
CA MET A 157 -11.98 0.03 -6.88
C MET A 157 -12.00 -1.47 -6.57
N ALA A 158 -11.37 -1.87 -5.44
CA ALA A 158 -11.39 -3.26 -4.99
C ALA A 158 -12.82 -3.64 -4.62
N SER A 159 -13.52 -2.77 -3.88
CA SER A 159 -14.90 -3.01 -3.45
C SER A 159 -15.80 -3.24 -4.65
N ALA A 160 -15.71 -2.33 -5.63
CA ALA A 160 -16.46 -2.43 -6.89
C ALA A 160 -16.23 -3.79 -7.55
N ASP A 161 -14.96 -4.20 -7.71
CA ASP A 161 -14.64 -5.49 -8.33
C ASP A 161 -15.09 -6.71 -7.52
N VAL A 162 -15.12 -6.59 -6.18
CA VAL A 162 -15.60 -7.68 -5.34
C VAL A 162 -17.06 -7.94 -5.71
N PHE A 163 -17.86 -6.87 -5.79
CA PHE A 163 -19.28 -6.98 -6.15
C PHE A 163 -19.53 -7.44 -7.57
N LEU A 164 -18.60 -7.20 -8.50
CA LEU A 164 -18.71 -7.70 -9.87
C LEU A 164 -18.40 -9.20 -9.91
N LEU A 165 -17.38 -9.62 -9.15
CA LEU A 165 -16.97 -11.01 -9.10
C LEU A 165 -18.01 -11.89 -8.43
N LYS A 166 -18.66 -11.41 -7.37
CA LYS A 166 -19.68 -12.21 -6.67
C LYS A 166 -21.02 -12.31 -7.40
N ASN A 167 -21.26 -11.44 -8.41
CA ASN A 167 -22.46 -11.51 -9.23
C ASN A 167 -22.22 -12.43 -10.44
N GLN A 168 -20.99 -12.97 -10.60
CA GLN A 168 -20.66 -13.90 -11.68
C GLN A 168 -21.24 -15.29 -11.37
N PRO A 169 -21.59 -16.09 -12.41
CA PRO A 169 -22.23 -17.41 -12.17
C PRO A 169 -21.46 -18.39 -11.29
N CYS A 170 -20.12 -18.45 -11.47
CA CYS A 170 -19.22 -19.30 -10.70
C CYS A 170 -19.36 -19.04 -9.23
N TYR A 171 -19.20 -17.77 -8.83
CA TYR A 171 -19.19 -17.33 -7.44
C TYR A 171 -20.54 -16.97 -6.86
N ARG A 172 -21.55 -16.71 -7.75
CA ARG A 172 -22.92 -16.42 -7.32
C ARG A 172 -23.52 -17.67 -6.70
N LYS A 173 -22.99 -18.85 -7.11
CA LYS A 173 -23.40 -20.14 -6.58
C LYS A 173 -23.01 -20.28 -5.09
N LEU A 174 -21.78 -19.88 -4.71
CA LEU A 174 -21.20 -20.02 -3.36
C LEU A 174 -22.01 -19.50 -2.15
N GLY A 175 -22.93 -18.57 -2.39
CA GLY A 175 -23.77 -18.00 -1.33
C GLY A 175 -23.02 -17.05 -0.43
N LEU A 176 -22.11 -16.30 -1.03
CA LEU A 176 -21.21 -15.39 -0.35
C LEU A 176 -21.84 -14.08 0.07
N GLU A 177 -21.51 -13.65 1.29
CA GLU A 177 -21.89 -12.34 1.81
C GLU A 177 -20.59 -11.54 1.93
N VAL A 178 -20.68 -10.20 1.81
CA VAL A 178 -19.52 -9.30 1.89
C VAL A 178 -19.62 -8.47 3.15
N TYR A 179 -18.55 -8.47 3.96
CA TYR A 179 -18.45 -7.68 5.18
C TYR A 179 -17.28 -6.75 5.08
N VAL A 180 -17.33 -5.67 5.83
CA VAL A 180 -16.25 -4.70 5.81
C VAL A 180 -15.89 -4.28 7.25
N THR A 181 -14.63 -3.88 7.43
CA THR A 181 -14.10 -3.27 8.66
C THR A 181 -13.22 -2.11 8.23
N PHE A 182 -13.00 -1.16 9.13
CA PHE A 182 -12.15 -0.02 8.87
C PHE A 182 -11.67 0.49 10.21
N PHE A 183 -10.39 0.32 10.50
CA PHE A 183 -9.82 0.76 11.77
C PHE A 183 -8.48 1.41 11.57
N GLU A 184 -8.05 2.17 12.56
CA GLU A 184 -6.73 2.75 12.55
C GLU A 184 -5.91 2.27 13.73
N ILE A 185 -4.58 2.31 13.59
CA ILE A 185 -3.63 1.94 14.63
C ILE A 185 -2.78 3.16 14.90
N TYR A 186 -2.85 3.68 16.13
CA TYR A 186 -2.10 4.83 16.58
C TYR A 186 -1.53 4.60 17.97
N ASN A 187 -0.20 4.69 18.08
CA ASN A 187 0.51 4.51 19.36
C ASN A 187 0.16 3.17 20.03
N GLY A 188 0.15 2.09 19.24
CA GLY A 188 -0.17 0.74 19.70
C GLY A 188 -1.61 0.48 20.10
N LYS A 189 -2.51 1.41 19.76
CA LYS A 189 -3.93 1.30 20.08
C LYS A 189 -4.75 1.28 18.80
N LEU A 190 -5.77 0.45 18.78
CA LEU A 190 -6.66 0.30 17.64
C LEU A 190 -7.91 1.08 17.89
N PHE A 191 -8.38 1.77 16.88
CA PHE A 191 -9.61 2.55 16.95
C PHE A 191 -10.50 2.20 15.79
N ASP A 192 -11.76 1.88 16.09
CA ASP A 192 -12.76 1.51 15.09
C ASP A 192 -13.33 2.79 14.45
N LEU A 193 -13.06 2.96 13.16
CA LEU A 193 -13.45 4.17 12.43
C LEU A 193 -14.91 4.16 12.01
N LEU A 194 -15.51 2.94 11.97
CA LEU A 194 -16.92 2.71 11.66
C LEU A 194 -17.80 2.70 12.92
N ASN A 195 -17.19 2.57 14.12
CA ASN A 195 -17.89 2.63 15.39
C ASN A 195 -17.31 3.70 16.33
N LYS A 196 -17.28 4.95 15.84
CA LYS A 196 -16.94 6.18 16.58
C LYS A 196 -15.60 6.22 17.30
N LYS A 197 -14.55 5.68 16.65
CA LYS A 197 -13.18 5.60 17.17
C LYS A 197 -13.08 4.86 18.53
N ALA A 198 -13.84 3.73 18.69
CA ALA A 198 -13.82 2.93 19.94
C ALA A 198 -12.49 2.20 20.05
N LYS A 199 -11.84 2.32 21.22
CA LYS A 199 -10.56 1.67 21.46
C LYS A 199 -10.77 0.16 21.69
N LEU A 200 -10.58 -0.63 20.60
CA LEU A 200 -10.70 -2.09 20.58
C LEU A 200 -9.46 -2.70 21.27
N ARG A 201 -9.42 -4.03 21.41
CA ARG A 201 -8.26 -4.71 22.01
C ARG A 201 -7.87 -5.94 21.19
N VAL A 202 -6.58 -6.15 21.03
CA VAL A 202 -6.03 -7.26 20.26
C VAL A 202 -5.52 -8.35 21.24
N LEU A 203 -6.04 -9.56 21.06
CA LEU A 203 -5.70 -10.71 21.90
C LEU A 203 -5.10 -11.81 21.05
N GLU A 204 -4.24 -12.59 21.65
CA GLU A 204 -3.62 -13.72 21.01
C GLU A 204 -3.92 -14.94 21.88
N ASP A 205 -4.35 -16.06 21.27
CA ASP A 205 -4.66 -17.26 22.03
C ASP A 205 -3.48 -18.26 22.10
N GLY A 206 -3.74 -19.43 22.72
CA GLY A 206 -2.75 -20.50 22.88
C GLY A 206 -2.22 -21.12 21.61
N LYS A 207 -2.89 -20.89 20.45
CA LYS A 207 -2.53 -21.42 19.13
C LYS A 207 -1.98 -20.30 18.26
N GLN A 208 -1.60 -19.16 18.88
CA GLN A 208 -1.08 -17.99 18.17
C GLN A 208 -2.06 -17.30 17.23
N GLN A 209 -3.36 -17.59 17.36
CA GLN A 209 -4.37 -16.91 16.55
C GLN A 209 -4.73 -15.57 17.22
N VAL A 210 -4.92 -14.56 16.41
CA VAL A 210 -5.21 -13.23 16.87
C VAL A 210 -6.67 -12.85 16.62
N GLN A 211 -7.25 -12.13 17.57
CA GLN A 211 -8.61 -11.64 17.46
C GLN A 211 -8.61 -10.18 17.89
N VAL A 212 -9.36 -9.35 17.18
CA VAL A 212 -9.54 -7.95 17.56
C VAL A 212 -10.89 -7.98 18.27
N VAL A 213 -10.85 -7.93 19.59
CA VAL A 213 -12.06 -7.99 20.40
C VAL A 213 -12.82 -6.67 20.24
N GLY A 214 -14.11 -6.75 19.94
CA GLY A 214 -14.94 -5.57 19.78
C GLY A 214 -15.06 -5.05 18.36
N LEU A 215 -14.30 -5.63 17.41
CA LEU A 215 -14.34 -5.20 16.02
C LEU A 215 -15.58 -5.77 15.33
N GLN A 216 -16.51 -4.88 14.98
CA GLN A 216 -17.71 -5.32 14.29
C GLN A 216 -17.47 -5.28 12.78
N GLU A 217 -17.90 -6.37 12.13
CA GLU A 217 -17.88 -6.49 10.68
C GLU A 217 -19.23 -5.99 10.20
N HIS A 218 -19.23 -5.14 9.18
CA HIS A 218 -20.45 -4.56 8.61
C HIS A 218 -20.82 -5.19 7.31
N LEU A 219 -22.02 -5.76 7.24
CA LEU A 219 -22.57 -6.37 6.03
C LEU A 219 -22.88 -5.27 5.04
N VAL A 220 -22.52 -5.52 3.77
CA VAL A 220 -22.67 -4.57 2.66
C VAL A 220 -23.16 -5.35 1.44
N ASN A 221 -24.08 -4.76 0.65
CA ASN A 221 -24.64 -5.42 -0.54
C ASN A 221 -24.27 -4.69 -1.83
N SER A 222 -23.54 -3.58 -1.73
CA SER A 222 -23.14 -2.83 -2.90
C SER A 222 -21.89 -2.05 -2.64
N ALA A 223 -21.20 -1.65 -3.72
CA ALA A 223 -19.97 -0.85 -3.61
C ALA A 223 -20.31 0.55 -3.13
N ASP A 224 -21.57 0.99 -3.34
CA ASP A 224 -22.05 2.30 -2.88
C ASP A 224 -22.20 2.33 -1.36
N ASP A 225 -22.62 1.20 -0.76
CA ASP A 225 -22.67 1.04 0.69
C ASP A 225 -21.25 1.16 1.26
N VAL A 226 -20.26 0.47 0.65
CA VAL A 226 -18.84 0.51 1.06
C VAL A 226 -18.29 1.93 0.98
N ILE A 227 -18.56 2.65 -0.12
CA ILE A 227 -18.06 4.02 -0.29
C ILE A 227 -18.58 4.92 0.82
N LYS A 228 -19.83 4.69 1.23
CA LYS A 228 -20.41 5.45 2.34
C LYS A 228 -19.63 5.10 3.62
N MET A 229 -19.26 3.81 3.82
CA MET A 229 -18.44 3.36 4.96
C MET A 229 -17.05 4.04 4.94
N ILE A 230 -16.32 3.97 3.80
CA ILE A 230 -14.99 4.57 3.67
C ILE A 230 -15.02 6.06 3.98
N ASP A 231 -16.01 6.77 3.41
CA ASP A 231 -16.23 8.20 3.64
C ASP A 231 -16.53 8.47 5.09
N MET A 232 -17.40 7.63 5.72
CA MET A 232 -17.73 7.71 7.14
C MET A 232 -16.42 7.57 7.92
N GLY A 233 -15.64 6.56 7.56
CA GLY A 233 -14.39 6.23 8.20
C GLY A 233 -13.30 7.28 8.06
N SER A 234 -13.04 7.72 6.81
CA SER A 234 -12.01 8.72 6.49
C SER A 234 -12.20 10.04 7.23
N ALA A 235 -13.48 10.43 7.45
CA ALA A 235 -13.84 11.64 8.19
C ALA A 235 -13.31 11.59 9.63
N CYS A 236 -13.35 10.39 10.27
CA CYS A 236 -12.84 10.17 11.61
C CYS A 236 -11.33 10.39 11.65
N ARG A 237 -10.58 9.52 10.93
CA ARG A 237 -9.12 9.51 10.89
C ARG A 237 -8.38 10.83 10.87
N THR A 238 -7.68 11.08 12.00
CA THR A 238 -6.84 12.25 12.30
C THR A 238 -5.53 11.81 12.97
N ASN A 247 -2.33 13.70 14.01
CA ASN A 247 -1.98 13.55 12.60
C ASN A 247 -2.20 12.14 12.07
N SER A 248 -2.90 12.05 10.92
CA SER A 248 -3.18 10.81 10.20
C SER A 248 -1.92 10.31 9.49
N SER A 249 -0.85 11.13 9.50
CA SER A 249 0.45 10.76 8.97
C SER A 249 1.20 9.88 10.00
N ARG A 250 0.67 9.80 11.23
CA ARG A 250 1.30 9.04 12.31
C ARG A 250 0.55 7.76 12.66
N SER A 251 -0.43 7.40 11.84
CA SER A 251 -1.22 6.18 12.07
C SER A 251 -1.39 5.31 10.83
N HIS A 252 -1.68 4.03 11.06
CA HIS A 252 -1.98 3.08 10.01
C HIS A 252 -3.49 2.99 9.91
N ALA A 253 -4.04 2.95 8.69
CA ALA A 253 -5.48 2.77 8.51
C ALA A 253 -5.64 1.48 7.72
N CYS A 254 -6.51 0.56 8.21
CA CYS A 254 -6.71 -0.75 7.60
CA CYS A 254 -6.72 -0.75 7.59
C CYS A 254 -8.17 -0.93 7.26
N PHE A 255 -8.46 -1.14 5.97
CA PHE A 255 -9.78 -1.37 5.45
C PHE A 255 -9.79 -2.81 4.99
N GLN A 256 -10.76 -3.59 5.45
CA GLN A 256 -10.83 -5.00 5.13
C GLN A 256 -12.07 -5.38 4.39
N ILE A 257 -11.94 -6.23 3.39
CA ILE A 257 -13.05 -6.84 2.67
C ILE A 257 -12.99 -8.30 3.07
N ILE A 258 -14.06 -8.78 3.67
CA ILE A 258 -14.16 -10.15 4.16
C ILE A 258 -15.30 -10.89 3.43
N LEU A 259 -14.98 -12.00 2.76
CA LEU A 259 -15.99 -12.85 2.12
C LEU A 259 -16.34 -13.99 3.09
N ARG A 260 -17.63 -14.17 3.41
CA ARG A 260 -18.11 -15.26 4.26
C ARG A 260 -19.12 -16.10 3.48
N ALA A 261 -18.99 -17.44 3.55
CA ALA A 261 -19.80 -18.40 2.79
C ALA A 261 -21.16 -18.72 3.40
N LYS A 262 -21.19 -18.96 4.71
CA LYS A 262 -22.39 -19.21 5.51
C LYS A 262 -22.07 -18.75 6.93
N GLY A 263 -21.34 -17.63 7.02
CA GLY A 263 -20.83 -17.10 8.27
C GLY A 263 -19.40 -17.58 8.46
N ARG A 264 -19.00 -18.64 7.71
CA ARG A 264 -17.65 -19.20 7.71
C ARG A 264 -16.83 -18.36 6.74
N MET A 265 -15.64 -17.94 7.19
CA MET A 265 -14.80 -17.13 6.33
C MET A 265 -14.33 -17.85 5.09
N HIS A 266 -14.47 -17.20 3.94
CA HIS A 266 -14.05 -17.73 2.68
C HIS A 266 -12.75 -17.08 2.23
N GLY A 267 -12.67 -15.75 2.35
CA GLY A 267 -11.51 -14.98 1.93
C GLY A 267 -11.48 -13.61 2.55
N LYS A 268 -10.31 -12.99 2.58
CA LYS A 268 -10.14 -11.68 3.18
C LYS A 268 -9.06 -10.85 2.46
N PHE A 269 -9.38 -9.58 2.22
CA PHE A 269 -8.45 -8.65 1.64
C PHE A 269 -8.27 -7.52 2.63
N SER A 270 -7.03 -7.25 3.03
CA SER A 270 -6.77 -6.10 3.90
C SER A 270 -5.97 -5.06 3.13
N LEU A 271 -6.46 -3.81 3.13
CA LEU A 271 -5.83 -2.72 2.38
C LEU A 271 -5.43 -1.67 3.37
N VAL A 272 -4.13 -1.36 3.39
CA VAL A 272 -3.54 -0.54 4.43
C VAL A 272 -2.83 0.66 3.92
N ASP A 273 -3.19 1.82 4.47
CA ASP A 273 -2.56 3.12 4.25
C ASP A 273 -1.69 3.30 5.48
N LEU A 274 -0.40 3.02 5.34
CA LEU A 274 0.52 3.03 6.47
C LEU A 274 0.89 4.42 6.98
N ALA A 275 1.41 4.48 8.21
CA ALA A 275 1.96 5.70 8.79
C ALA A 275 3.22 6.05 7.97
N GLY A 276 3.52 7.35 7.88
CA GLY A 276 4.71 7.84 7.19
C GLY A 276 5.98 7.25 7.75
N ASN A 277 6.89 6.86 6.85
CA ASN A 277 8.15 6.19 7.22
C ASN A 277 9.27 7.14 7.57
N GLU A 278 9.09 8.46 7.35
CA GLU A 278 10.14 9.42 7.68
C GLU A 278 10.37 9.45 9.19
N ARG A 279 11.58 9.01 9.62
CA ARG A 279 12.02 8.91 11.04
C ARG A 279 10.99 8.28 12.00
N ARG A 291 10.03 16.91 22.15
CA ARG A 291 10.33 15.85 21.20
C ARG A 291 9.08 15.02 20.84
N MET A 292 9.10 14.37 19.67
CA MET A 292 8.01 13.54 19.15
C MET A 292 8.33 12.03 19.19
N GLU A 293 7.39 11.20 18.68
CA GLU A 293 7.50 9.74 18.62
C GLU A 293 7.44 9.21 17.17
N GLY A 294 8.30 8.24 16.87
CA GLY A 294 8.40 7.54 15.59
C GLY A 294 9.03 6.18 15.76
N ALA A 295 9.22 5.75 17.01
CA ALA A 295 9.81 4.47 17.38
C ALA A 295 8.80 3.37 17.20
N GLU A 296 7.51 3.63 17.56
CA GLU A 296 6.40 2.68 17.38
C GLU A 296 6.20 2.44 15.86
N ILE A 297 6.18 3.54 15.06
CA ILE A 297 6.01 3.45 13.61
C ILE A 297 7.13 2.64 12.99
N ASN A 298 8.39 2.98 13.31
CA ASN A 298 9.55 2.30 12.74
C ASN A 298 9.60 0.81 13.05
N LYS A 299 9.24 0.42 14.27
CA LYS A 299 9.23 -1.00 14.65
C LYS A 299 8.10 -1.74 13.95
N SER A 300 7.00 -1.04 13.79
CA SER A 300 5.85 -1.52 13.05
C SER A 300 6.24 -1.85 11.56
N LEU A 301 6.93 -0.90 10.89
CA LEU A 301 7.37 -1.01 9.49
C LEU A 301 8.43 -2.09 9.32
N LEU A 302 9.35 -2.16 10.27
CA LEU A 302 10.36 -3.22 10.29
C LEU A 302 9.75 -4.61 10.47
N ALA A 303 8.76 -4.70 11.35
CA ALA A 303 8.04 -5.94 11.61
C ALA A 303 7.30 -6.37 10.32
N LEU A 304 6.62 -5.43 9.65
CA LEU A 304 5.91 -5.71 8.40
C LEU A 304 6.83 -6.29 7.33
N LYS A 305 8.03 -5.68 7.15
CA LYS A 305 9.01 -6.16 6.18
C LYS A 305 9.37 -7.59 6.45
N GLU A 306 9.64 -7.92 7.73
CA GLU A 306 9.97 -9.29 8.10
C GLU A 306 8.85 -10.26 7.84
N CYS A 307 7.59 -9.83 8.06
CA CYS A 307 6.43 -10.69 7.81
C CYS A 307 6.24 -10.92 6.32
N ILE A 308 6.39 -9.85 5.50
CA ILE A 308 6.29 -9.98 4.06
C ILE A 308 7.43 -10.89 3.56
N ARG A 309 8.66 -10.63 4.03
CA ARG A 309 9.80 -11.46 3.65
C ARG A 309 9.56 -12.92 3.96
N ALA A 310 8.95 -13.21 5.13
CA ALA A 310 8.68 -14.57 5.58
C ALA A 310 7.63 -15.27 4.75
N LEU A 311 6.56 -14.57 4.37
CA LEU A 311 5.55 -15.06 3.43
C LEU A 311 6.26 -15.48 2.16
N GLY A 312 7.18 -14.62 1.69
CA GLY A 312 7.98 -14.83 0.49
C GLY A 312 8.70 -16.17 0.49
N GLN A 313 9.32 -16.48 1.64
CA GLN A 313 10.07 -17.72 1.87
C GLN A 313 9.18 -18.87 2.39
N ASN A 314 7.83 -18.71 2.35
CA ASN A 314 6.85 -19.71 2.81
C ASN A 314 7.27 -20.32 4.19
N LYS A 315 7.69 -19.46 5.14
CA LYS A 315 8.14 -19.87 6.49
C LYS A 315 6.98 -20.20 7.40
N ALA A 316 7.19 -21.13 8.34
CA ALA A 316 6.16 -21.54 9.28
C ALA A 316 5.90 -20.48 10.36
N HIS A 317 6.92 -19.63 10.63
CA HIS A 317 6.83 -18.59 11.66
C HIS A 317 7.38 -17.29 11.14
N THR A 318 6.77 -16.19 11.55
CA THR A 318 7.19 -14.83 11.24
C THR A 318 7.04 -14.04 12.54
N PRO A 319 7.75 -12.91 12.66
CA PRO A 319 7.67 -12.14 13.91
C PRO A 319 6.42 -11.23 14.02
N PHE A 320 5.21 -11.80 13.81
CA PHE A 320 3.91 -11.10 13.85
CA PHE A 320 3.94 -11.05 13.83
C PHE A 320 3.67 -10.26 15.11
N ARG A 321 4.19 -10.73 16.21
CA ARG A 321 3.98 -10.19 17.54
C ARG A 321 4.65 -8.84 17.83
N GLU A 322 5.60 -8.46 16.99
CA GLU A 322 6.38 -7.24 17.16
C GLU A 322 5.65 -5.91 16.99
N SER A 323 4.42 -5.94 16.46
CA SER A 323 3.62 -4.73 16.29
C SER A 323 2.18 -5.11 16.26
N LYS A 324 1.28 -4.16 16.55
CA LYS A 324 -0.16 -4.39 16.47
C LYS A 324 -0.57 -4.66 15.03
N LEU A 325 0.05 -3.93 14.06
CA LEU A 325 -0.24 -4.10 12.65
C LEU A 325 -0.01 -5.53 12.19
N THR A 326 1.17 -6.09 12.44
CA THR A 326 1.48 -7.46 12.02
C THR A 326 0.71 -8.52 12.78
N GLN A 327 0.38 -8.23 14.04
CA GLN A 327 -0.42 -9.11 14.88
C GLN A 327 -1.84 -9.26 14.29
N VAL A 328 -2.48 -8.15 14.00
CA VAL A 328 -3.80 -8.10 13.40
C VAL A 328 -3.82 -8.76 12.02
N LEU A 329 -2.78 -8.58 11.21
CA LEU A 329 -2.69 -9.21 9.90
C LEU A 329 -2.00 -10.57 9.84
N ARG A 330 -1.65 -11.16 11.01
CA ARG A 330 -0.94 -12.43 11.13
C ARG A 330 -1.39 -13.47 10.13
N ASP A 331 -2.70 -13.67 10.06
CA ASP A 331 -3.35 -14.67 9.21
C ASP A 331 -3.04 -14.53 7.71
N SER A 332 -2.72 -13.31 7.27
CA SER A 332 -2.45 -12.99 5.88
C SER A 332 -1.02 -13.23 5.45
N PHE A 333 -0.12 -13.57 6.38
CA PHE A 333 1.29 -13.81 6.05
C PHE A 333 1.68 -15.28 6.02
N ILE A 334 0.66 -16.15 6.17
CA ILE A 334 0.76 -17.61 6.17
C ILE A 334 -0.30 -18.23 5.25
N GLY A 335 0.04 -19.38 4.71
CA GLY A 335 -0.83 -20.11 3.81
C GLY A 335 -0.29 -20.18 2.41
N GLU A 336 -0.69 -21.23 1.69
CA GLU A 336 -0.29 -21.53 0.30
C GLU A 336 -0.76 -20.45 -0.68
N ASN A 337 -1.98 -19.96 -0.46
CA ASN A 337 -2.66 -18.98 -1.30
C ASN A 337 -2.81 -17.60 -0.63
N SER A 338 -1.72 -17.16 0.03
CA SER A 338 -1.62 -15.82 0.61
C SER A 338 -0.67 -14.99 -0.27
N ARG A 339 -1.13 -13.82 -0.67
CA ARG A 339 -0.44 -12.92 -1.56
C ARG A 339 -0.46 -11.52 -1.02
N THR A 340 0.60 -10.77 -1.30
CA THR A 340 0.73 -9.38 -0.89
C THR A 340 1.25 -8.48 -2.02
N CYS A 341 0.89 -7.21 -1.91
CA CYS A 341 1.37 -6.17 -2.78
C CYS A 341 1.77 -5.00 -1.93
N MET A 342 2.88 -4.37 -2.27
CA MET A 342 3.28 -3.15 -1.63
C MET A 342 3.58 -2.09 -2.67
N ILE A 343 2.96 -0.91 -2.49
CA ILE A 343 3.15 0.28 -3.31
C ILE A 343 3.98 1.26 -2.51
N ALA A 344 5.24 1.45 -2.89
CA ALA A 344 6.13 2.41 -2.26
C ALA A 344 5.95 3.73 -3.01
N THR A 345 5.32 4.70 -2.33
CA THR A 345 5.06 6.02 -2.86
C THR A 345 6.25 6.93 -2.58
N ILE A 346 6.65 7.73 -3.57
CA ILE A 346 7.80 8.64 -3.44
C ILE A 346 7.48 10.06 -3.88
N SER A 347 8.07 11.04 -3.19
CA SER A 347 7.99 12.46 -3.52
C SER A 347 9.23 12.73 -4.39
N PRO A 348 9.06 13.34 -5.57
CA PRO A 348 10.18 13.43 -6.50
C PRO A 348 11.20 14.56 -6.36
N GLY A 349 10.90 15.48 -5.47
CA GLY A 349 11.71 16.67 -5.28
C GLY A 349 13.08 16.40 -4.67
N ILE A 350 14.07 17.17 -5.12
CA ILE A 350 15.45 17.11 -4.63
C ILE A 350 15.51 17.16 -3.07
N SER A 351 14.64 17.94 -2.44
CA SER A 351 14.60 18.11 -0.98
C SER A 351 14.17 16.86 -0.23
N SER A 352 13.50 15.94 -0.92
CA SER A 352 13.03 14.71 -0.33
C SER A 352 13.92 13.53 -0.64
N CYS A 353 14.99 13.76 -1.41
CA CYS A 353 15.89 12.72 -1.86
C CYS A 353 16.30 11.69 -0.84
N GLU A 354 16.73 12.10 0.34
CA GLU A 354 17.15 11.16 1.37
C GLU A 354 16.02 10.29 1.87
N TYR A 355 14.81 10.87 2.00
CA TYR A 355 13.64 10.11 2.39
C TYR A 355 13.23 9.13 1.29
N THR A 356 13.33 9.57 0.02
CA THR A 356 13.07 8.74 -1.15
C THR A 356 13.99 7.53 -1.15
N LEU A 357 15.28 7.75 -0.96
CA LEU A 357 16.24 6.66 -0.94
C LEU A 357 15.96 5.67 0.18
N ASN A 358 15.54 6.16 1.35
CA ASN A 358 15.16 5.28 2.44
C ASN A 358 13.97 4.41 2.03
N THR A 359 12.95 5.01 1.39
CA THR A 359 11.77 4.27 0.95
C THR A 359 12.17 3.18 -0.04
N LEU A 360 13.06 3.53 -1.01
CA LEU A 360 13.52 2.63 -2.07
C LEU A 360 14.39 1.49 -1.52
N ARG A 361 15.27 1.81 -0.60
CA ARG A 361 16.08 0.80 0.07
C ARG A 361 15.19 -0.21 0.82
N TYR A 362 14.14 0.27 1.51
CA TYR A 362 13.23 -0.59 2.22
C TYR A 362 12.48 -1.47 1.22
N ALA A 363 11.83 -0.88 0.20
CA ALA A 363 11.08 -1.64 -0.79
C ALA A 363 11.96 -2.65 -1.52
N ASP A 364 13.20 -2.32 -1.73
CA ASP A 364 14.18 -3.22 -2.31
C ASP A 364 14.39 -4.50 -1.47
N ARG A 365 14.34 -4.40 -0.13
CA ARG A 365 14.54 -5.54 0.78
C ARG A 365 13.27 -6.33 1.09
N VAL A 366 12.11 -5.84 0.64
CA VAL A 366 10.82 -6.51 0.86
C VAL A 366 10.68 -7.80 0.05
N LYS A 367 11.12 -7.78 -1.21
CA LYS A 367 11.04 -8.97 -2.05
C LYS A 367 12.47 -9.33 -2.32
N GLU A 368 12.98 -10.12 -1.40
CA GLU A 368 14.35 -10.61 -1.37
C GLU A 368 14.19 -12.08 -0.96
N LEU A 369 14.74 -12.97 -1.80
CA LEU A 369 14.68 -14.43 -1.69
C LEU A 369 15.32 -14.95 -0.40
MG MG B . -2.07 10.03 4.29
PB ADP C . 0.44 10.74 2.12
O1B ADP C . -0.82 10.02 2.49
O2B ADP C . 1.47 9.80 1.69
O3B ADP C . 0.93 11.60 3.29
PA ADP C . -1.24 12.26 0.22
O1A ADP C . -2.06 12.91 1.27
O2A ADP C . -2.01 11.13 -0.46
O3A ADP C . 0.11 11.70 0.88
O5' ADP C . -0.77 13.31 -0.85
C5' ADP C . -0.47 14.69 -0.58
C4' ADP C . -1.04 15.55 -1.68
O4' ADP C . -0.45 15.16 -2.94
C3' ADP C . -2.55 15.52 -1.88
O3' ADP C . -3.09 16.81 -2.18
C2' ADP C . -2.72 14.50 -3.02
O2' ADP C . -3.92 14.61 -3.77
C1' ADP C . -1.48 14.79 -3.85
N9 ADP C . -1.00 13.66 -4.65
C8 ADP C . -0.43 12.50 -4.19
N7 ADP C . -0.19 11.61 -5.14
C5 ADP C . -0.63 12.24 -6.30
C6 ADP C . -0.65 11.84 -7.66
N6 ADP C . -0.15 10.68 -8.09
N1 ADP C . -1.15 12.71 -8.56
C2 ADP C . -1.60 13.90 -8.14
N3 ADP C . -1.63 14.39 -6.89
C4 ADP C . -1.13 13.50 -6.00
S SO4 D . -13.38 -16.63 11.54
O1 SO4 D . -13.78 -15.25 11.77
O2 SO4 D . -13.30 -17.33 12.82
O3 SO4 D . -14.35 -17.34 10.69
O4 SO4 D . -12.06 -16.65 10.90
S SO4 E . 2.79 -1.61 18.56
O1 SO4 E . 2.88 -0.75 19.73
O2 SO4 E . 1.66 -1.20 17.73
O3 SO4 E . 2.60 -2.99 19.05
O4 SO4 E . 4.01 -1.50 17.77
S SO4 F . -7.53 -7.62 -19.06
O1 SO4 F . -7.93 -6.67 -18.03
O2 SO4 F . -8.61 -8.57 -19.32
O3 SO4 F . -6.33 -8.35 -18.61
O4 SO4 F . -7.22 -6.88 -20.30
#